data_1TXC
#
_entry.id   1TXC
#
_cell.length_a   57.896
_cell.length_b   65.086
_cell.length_c   78.096
_cell.angle_alpha   90.00
_cell.angle_beta   90.00
_cell.angle_gamma   90.00
#
_symmetry.space_group_name_H-M   'P 21 21 21'
#
loop_
_entity.id
_entity.type
_entity.pdbx_description
1 polymer 'pathogenesis-related class 10 protein SPE-16'
2 non-polymer '8-ANILINO-1-NAPHTHALENE SULFONATE'
3 water water
#
_entity_poly.entity_id   1
_entity_poly.type   'polypeptide(L)'
_entity_poly.pdbx_seq_one_letter_code
;GVFVFRDETSSSVAPAKLYKALTKDSDTIAQKIDGPIQSIELVEGNGGVGTIKKITANEGDKTSFVLQKVDAIDEANLGY
DYSIVGGTGLPESLEKLSFETKVVAGSGGGSISKVTLKFHTKGDAPLSDAVRDDALAKGAGFFKAIEGYVLANPAEY
;
_entity_poly.pdbx_strand_id   A,B
#
loop_
_chem_comp.id
_chem_comp.type
_chem_comp.name
_chem_comp.formula
2AN non-polymer '8-ANILINO-1-NAPHTHALENE SULFONATE' 'C16 H13 N O3 S'
#
# COMPACT_ATOMS: atom_id res chain seq x y z
N GLY A 1 13.74 25.53 1.58
CA GLY A 1 13.07 25.32 2.87
C GLY A 1 12.79 23.86 3.17
N VAL A 2 12.37 23.57 4.39
CA VAL A 2 12.06 22.22 4.81
C VAL A 2 10.55 22.04 5.04
N PHE A 3 9.96 21.03 4.41
CA PHE A 3 8.54 20.74 4.58
C PHE A 3 8.44 19.38 5.26
N VAL A 4 7.75 19.34 6.39
CA VAL A 4 7.60 18.12 7.16
C VAL A 4 6.20 17.52 7.07
N PHE A 5 6.15 16.19 7.01
CA PHE A 5 4.90 15.45 6.92
C PHE A 5 5.05 14.13 7.68
N ARG A 6 4.16 13.90 8.65
CA ARG A 6 4.22 12.69 9.46
C ARG A 6 3.05 11.75 9.20
N ASP A 7 3.32 10.46 9.28
CA ASP A 7 2.29 9.45 9.03
C ASP A 7 2.57 8.16 9.79
N GLU A 8 1.50 7.44 10.13
CA GLU A 8 1.60 6.16 10.84
C GLU A 8 0.79 5.11 10.08
N THR A 9 1.26 3.86 10.11
CA THR A 9 0.56 2.77 9.44
C THR A 9 0.58 1.54 10.34
N SER A 10 -0.60 0.97 10.59
CA SER A 10 -0.70 -0.21 11.43
C SER A 10 -0.48 -1.46 10.60
N SER A 11 0.04 -2.49 11.25
CA SER A 11 0.30 -3.77 10.59
C SER A 11 0.12 -4.92 11.58
N SER A 12 -0.30 -6.08 11.09
CA SER A 12 -0.48 -7.23 11.97
C SER A 12 0.88 -7.89 12.25
N VAL A 13 1.89 -7.52 11.46
CA VAL A 13 3.25 -8.06 11.61
C VAL A 13 3.94 -7.60 12.90
N ALA A 14 4.53 -8.54 13.63
CA ALA A 14 5.23 -8.23 14.87
C ALA A 14 6.38 -7.25 14.61
N PRO A 15 6.60 -6.32 15.55
CA PRO A 15 7.65 -5.29 15.47
C PRO A 15 9.03 -5.78 15.04
N ALA A 16 9.59 -6.74 15.77
CA ALA A 16 10.93 -7.24 15.44
C ALA A 16 11.03 -7.74 14.00
N LYS A 17 10.03 -8.50 13.58
CA LYS A 17 10.02 -9.04 12.23
C LYS A 17 9.91 -7.96 11.15
N LEU A 18 8.98 -7.02 11.35
CA LEU A 18 8.78 -5.93 10.41
C LEU A 18 10.05 -5.10 10.27
N TYR A 19 10.63 -4.71 11.41
CA TYR A 19 11.85 -3.90 11.41
C TYR A 19 12.95 -4.60 10.61
N LYS A 20 13.15 -5.89 10.85
CA LYS A 20 14.18 -6.63 10.13
C LYS A 20 13.88 -6.63 8.62
N ALA A 21 12.63 -6.89 8.25
CA ALA A 21 12.27 -6.92 6.83
C ALA A 21 12.50 -5.59 6.13
N LEU A 22 12.12 -4.50 6.80
CA LEU A 22 12.27 -3.18 6.21
C LEU A 22 13.68 -2.62 6.17
N THR A 23 14.48 -2.89 7.20
CA THR A 23 15.84 -2.34 7.26
C THR A 23 17.00 -3.26 6.87
N LYS A 24 16.84 -4.57 7.04
CA LYS A 24 17.92 -5.48 6.68
C LYS A 24 17.66 -6.30 5.43
N ASP A 25 16.42 -6.77 5.27
CA ASP A 25 16.07 -7.61 4.13
C ASP A 25 15.44 -6.94 2.91
N SER A 26 15.03 -5.67 3.04
CA SER A 26 14.35 -4.98 1.94
C SER A 26 15.07 -4.93 0.59
N ASP A 27 16.37 -4.64 0.59
CA ASP A 27 17.12 -4.59 -0.67
C ASP A 27 16.99 -5.94 -1.38
N THR A 28 17.08 -7.02 -0.62
CA THR A 28 16.99 -8.35 -1.18
C THR A 28 15.58 -8.68 -1.68
N ILE A 29 14.57 -8.38 -0.87
CA ILE A 29 13.19 -8.65 -1.25
C ILE A 29 12.74 -7.82 -2.46
N ALA A 30 13.11 -6.55 -2.48
CA ALA A 30 12.74 -5.65 -3.56
C ALA A 30 13.19 -6.13 -4.95
N GLN A 31 14.38 -6.68 -5.04
CA GLN A 31 14.89 -7.17 -6.32
C GLN A 31 14.32 -8.55 -6.62
N LYS A 32 13.79 -9.19 -5.58
CA LYS A 32 13.22 -10.53 -5.66
C LYS A 32 11.78 -10.54 -6.20
N ILE A 33 10.97 -9.59 -5.75
CA ILE A 33 9.57 -9.50 -6.18
C ILE A 33 9.46 -8.71 -7.49
N ASP A 34 8.30 -8.80 -8.13
CA ASP A 34 8.08 -8.09 -9.39
C ASP A 34 7.58 -6.66 -9.19
N GLY A 35 8.47 -5.79 -8.70
CA GLY A 35 8.09 -4.40 -8.48
C GLY A 35 8.88 -3.46 -9.39
N PRO A 36 8.91 -2.16 -9.08
CA PRO A 36 9.64 -1.17 -9.87
C PRO A 36 11.17 -1.29 -9.77
N ILE A 37 11.63 -1.61 -8.57
CA ILE A 37 13.07 -1.73 -8.32
C ILE A 37 13.70 -2.89 -9.08
N GLN A 38 14.69 -2.56 -9.91
CA GLN A 38 15.39 -3.54 -10.74
C GLN A 38 16.75 -3.97 -10.20
N SER A 39 17.47 -3.05 -9.59
CA SER A 39 18.77 -3.37 -9.01
C SER A 39 19.19 -2.36 -7.96
N ILE A 40 19.91 -2.85 -6.97
CA ILE A 40 20.42 -2.02 -5.89
C ILE A 40 21.89 -2.37 -5.74
N GLU A 41 22.74 -1.35 -5.75
CA GLU A 41 24.18 -1.59 -5.59
C GLU A 41 24.81 -0.60 -4.64
N LEU A 42 25.76 -1.11 -3.86
CA LEU A 42 26.48 -0.31 -2.88
C LEU A 42 27.57 0.51 -3.56
N VAL A 43 27.49 1.83 -3.41
CA VAL A 43 28.48 2.73 -3.99
C VAL A 43 29.57 2.99 -2.97
N GLU A 44 29.17 2.98 -1.69
CA GLU A 44 30.05 3.22 -0.57
C GLU A 44 29.50 2.52 0.66
N GLY A 45 30.36 1.82 1.39
CA GLY A 45 29.95 1.14 2.61
C GLY A 45 29.25 -0.19 2.40
N ASN A 46 28.77 -0.78 3.48
CA ASN A 46 28.09 -2.05 3.39
C ASN A 46 26.80 -2.12 4.20
N GLY A 47 26.21 -0.96 4.50
CA GLY A 47 24.97 -0.96 5.25
C GLY A 47 24.91 -0.02 6.43
N GLY A 48 26.04 0.20 7.09
CA GLY A 48 26.07 1.09 8.23
C GLY A 48 25.92 2.54 7.81
N VAL A 49 25.87 3.43 8.78
CA VAL A 49 25.72 4.86 8.52
C VAL A 49 26.78 5.36 7.54
N GLY A 50 26.35 6.24 6.63
CA GLY A 50 27.27 6.79 5.64
C GLY A 50 27.22 6.02 4.32
N THR A 51 26.54 4.87 4.32
CA THR A 51 26.42 4.04 3.14
C THR A 51 25.65 4.73 2.02
N ILE A 52 26.14 4.57 0.81
CA ILE A 52 25.50 5.15 -0.36
C ILE A 52 25.05 4.01 -1.26
N LYS A 53 23.78 4.00 -1.60
CA LYS A 53 23.22 2.96 -2.45
C LYS A 53 22.66 3.56 -3.73
N LYS A 54 22.82 2.85 -4.85
CA LYS A 54 22.26 3.31 -6.10
C LYS A 54 21.09 2.38 -6.38
N ILE A 55 19.90 2.95 -6.49
CA ILE A 55 18.72 2.15 -6.75
C ILE A 55 18.18 2.44 -8.14
N THR A 56 18.13 1.42 -8.97
CA THR A 56 17.64 1.56 -10.32
C THR A 56 16.23 0.97 -10.41
N ALA A 57 15.32 1.71 -10.99
CA ALA A 57 13.94 1.24 -11.10
C ALA A 57 13.27 1.71 -12.37
N ASN A 58 12.14 1.07 -12.68
CA ASN A 58 11.37 1.42 -13.86
C ASN A 58 10.13 2.22 -13.50
N GLU A 59 10.08 3.47 -13.96
CA GLU A 59 8.94 4.35 -13.72
C GLU A 59 8.14 4.27 -15.03
N GLY A 60 7.17 3.36 -15.06
CA GLY A 60 6.39 3.20 -16.27
C GLY A 60 7.25 2.40 -17.23
N ASP A 61 7.55 2.97 -18.39
CA ASP A 61 8.37 2.30 -19.39
C ASP A 61 9.78 2.90 -19.49
N LYS A 62 10.13 3.75 -18.53
CA LYS A 62 11.46 4.40 -18.52
C LYS A 62 12.23 4.07 -17.25
N THR A 63 13.55 3.98 -17.35
CA THR A 63 14.38 3.69 -16.18
C THR A 63 15.03 4.95 -15.61
N SER A 64 15.15 4.99 -14.29
CA SER A 64 15.79 6.09 -13.60
C SER A 64 16.39 5.51 -12.33
N PHE A 65 17.11 6.34 -11.58
CA PHE A 65 17.75 5.86 -10.37
C PHE A 65 17.89 6.99 -9.34
N VAL A 66 18.08 6.60 -8.09
CA VAL A 66 18.29 7.57 -7.05
C VAL A 66 19.45 7.09 -6.21
N LEU A 67 20.12 8.05 -5.57
CA LEU A 67 21.22 7.72 -4.70
C LEU A 67 20.60 7.81 -3.32
N GLN A 68 20.88 6.81 -2.48
CA GLN A 68 20.31 6.79 -1.14
C GLN A 68 21.41 6.72 -0.09
N LYS A 69 21.23 7.48 0.98
CA LYS A 69 22.19 7.54 2.07
C LYS A 69 21.57 7.02 3.37
N VAL A 70 22.37 6.32 4.17
CA VAL A 70 21.92 5.79 5.46
C VAL A 70 22.37 6.83 6.50
N ASP A 71 21.39 7.51 7.09
CA ASP A 71 21.64 8.57 8.06
C ASP A 71 21.87 8.08 9.49
N ALA A 72 21.07 7.13 9.93
CA ALA A 72 21.23 6.65 11.30
C ALA A 72 20.52 5.33 11.51
N ILE A 73 21.00 4.58 12.50
CA ILE A 73 20.45 3.28 12.85
C ILE A 73 20.43 3.09 14.36
N ASP A 74 19.25 2.85 14.91
CA ASP A 74 19.11 2.61 16.34
C ASP A 74 18.33 1.31 16.45
N GLU A 75 19.05 0.21 16.35
CA GLU A 75 18.47 -1.12 16.41
C GLU A 75 17.76 -1.39 17.73
N ALA A 76 18.29 -0.84 18.82
CA ALA A 76 17.70 -1.04 20.14
C ALA A 76 16.28 -0.53 20.23
N ASN A 77 16.02 0.59 19.57
CA ASN A 77 14.68 1.18 19.59
C ASN A 77 13.97 1.06 18.23
N LEU A 78 14.42 0.11 17.42
CA LEU A 78 13.84 -0.13 16.11
C LEU A 78 13.70 1.17 15.30
N GLY A 79 14.78 1.92 15.23
CA GLY A 79 14.77 3.17 14.50
C GLY A 79 15.68 3.05 13.29
N TYR A 80 15.35 3.78 12.22
CA TYR A 80 16.15 3.73 11.01
C TYR A 80 15.87 4.97 10.17
N ASP A 81 16.90 5.80 9.97
CA ASP A 81 16.74 7.00 9.17
C ASP A 81 17.65 6.93 7.93
N TYR A 82 17.21 7.55 6.85
CA TYR A 82 17.98 7.58 5.61
C TYR A 82 17.34 8.63 4.70
N SER A 83 18.04 9.00 3.64
CA SER A 83 17.48 9.97 2.70
C SER A 83 17.92 9.77 1.26
N ILE A 84 17.08 10.27 0.35
CA ILE A 84 17.37 10.20 -1.07
C ILE A 84 18.12 11.50 -1.35
N VAL A 85 19.34 11.38 -1.87
CA VAL A 85 20.17 12.56 -2.10
C VAL A 85 20.54 12.90 -3.54
N GLY A 86 20.04 12.14 -4.51
CA GLY A 86 20.37 12.46 -5.88
C GLY A 86 19.88 11.44 -6.88
N GLY A 87 20.26 11.62 -8.14
CA GLY A 87 19.85 10.72 -9.20
C GLY A 87 18.74 11.30 -10.05
N THR A 88 18.47 10.67 -11.19
CA THR A 88 17.43 11.16 -12.09
C THR A 88 16.01 10.89 -11.58
N GLY A 89 15.89 9.96 -10.63
CA GLY A 89 14.58 9.67 -10.08
C GLY A 89 14.11 10.72 -9.08
N LEU A 90 15.01 11.61 -8.68
CA LEU A 90 14.66 12.66 -7.72
C LEU A 90 14.15 13.91 -8.42
N PRO A 91 12.91 14.33 -8.13
CA PRO A 91 12.29 15.52 -8.72
C PRO A 91 13.21 16.74 -8.75
N GLU A 92 13.18 17.48 -9.85
CA GLU A 92 14.03 18.66 -10.05
C GLU A 92 13.90 19.72 -8.96
N SER A 93 12.70 19.87 -8.40
CA SER A 93 12.49 20.86 -7.36
C SER A 93 12.96 20.41 -5.98
N LEU A 94 13.38 19.15 -5.88
CA LEU A 94 13.86 18.63 -4.61
C LEU A 94 15.37 18.49 -4.55
N GLU A 95 15.94 18.82 -3.41
CA GLU A 95 17.37 18.73 -3.20
C GLU A 95 17.65 17.42 -2.44
N LYS A 96 16.78 17.13 -1.47
CA LYS A 96 16.92 15.93 -0.66
C LYS A 96 15.60 15.57 0.00
N LEU A 97 15.36 14.27 0.14
CA LEU A 97 14.16 13.78 0.79
C LEU A 97 14.62 12.86 1.91
N SER A 98 14.37 13.26 3.15
CA SER A 98 14.79 12.47 4.28
C SER A 98 13.65 11.73 4.98
N PHE A 99 13.92 10.52 5.42
CA PHE A 99 12.95 9.68 6.13
C PHE A 99 13.46 9.34 7.52
N GLU A 100 12.55 9.41 8.49
CA GLU A 100 12.86 9.06 9.87
C GLU A 100 11.79 8.04 10.22
N THR A 101 12.21 6.78 10.43
CA THR A 101 11.26 5.72 10.74
C THR A 101 11.50 5.03 12.07
N LYS A 102 10.43 4.47 12.62
CA LYS A 102 10.48 3.77 13.89
C LYS A 102 9.30 2.80 13.92
N VAL A 103 9.52 1.63 14.51
CA VAL A 103 8.47 0.63 14.59
C VAL A 103 8.15 0.42 16.06
N VAL A 104 6.88 0.54 16.41
CA VAL A 104 6.47 0.35 17.79
C VAL A 104 5.38 -0.71 17.93
N ALA A 105 5.17 -1.17 19.16
CA ALA A 105 4.15 -2.19 19.43
C ALA A 105 2.79 -1.63 19.03
N GLY A 106 2.04 -2.44 18.28
CA GLY A 106 0.72 -2.02 17.84
C GLY A 106 -0.39 -2.76 18.56
N SER A 107 -1.40 -3.18 17.81
CA SER A 107 -2.54 -3.89 18.37
C SER A 107 -2.50 -5.39 18.09
N GLY A 108 -2.90 -6.18 19.08
CA GLY A 108 -2.92 -7.63 18.92
C GLY A 108 -1.63 -8.26 18.42
N GLY A 109 -0.51 -7.93 19.06
CA GLY A 109 0.77 -8.50 18.66
C GLY A 109 1.36 -7.89 17.39
N GLY A 110 0.64 -6.94 16.79
CA GLY A 110 1.11 -6.29 15.58
C GLY A 110 1.96 -5.08 15.89
N SER A 111 2.13 -4.20 14.92
CA SER A 111 2.95 -3.01 15.16
C SER A 111 2.47 -1.73 14.50
N ILE A 112 3.17 -0.64 14.78
CA ILE A 112 2.86 0.66 14.20
C ILE A 112 4.13 1.17 13.55
N SER A 113 4.04 1.52 12.27
CA SER A 113 5.18 2.04 11.54
C SER A 113 5.03 3.55 11.43
N LYS A 114 5.90 4.27 12.14
CA LYS A 114 5.85 5.73 12.11
C LYS A 114 6.92 6.30 11.18
N VAL A 115 6.50 7.16 10.27
CA VAL A 115 7.43 7.78 9.34
C VAL A 115 7.28 9.28 9.29
N THR A 116 8.41 9.96 9.27
CA THR A 116 8.45 11.41 9.18
C THR A 116 9.26 11.74 7.93
N LEU A 117 8.62 12.38 6.96
CA LEU A 117 9.31 12.78 5.75
C LEU A 117 9.69 14.24 5.87
N LYS A 118 10.86 14.58 5.35
CA LYS A 118 11.33 15.95 5.38
C LYS A 118 11.79 16.30 3.97
N PHE A 119 11.02 17.15 3.31
CA PHE A 119 11.35 17.58 1.96
C PHE A 119 12.25 18.81 1.96
N HIS A 120 13.44 18.69 1.36
CA HIS A 120 14.37 19.81 1.26
C HIS A 120 14.34 20.29 -0.20
N THR A 121 13.59 21.35 -0.46
CA THR A 121 13.46 21.88 -1.79
C THR A 121 14.72 22.59 -2.27
N LYS A 122 14.91 22.61 -3.58
CA LYS A 122 16.07 23.22 -4.20
C LYS A 122 15.89 24.73 -4.36
N GLY A 123 16.72 25.50 -3.65
CA GLY A 123 16.65 26.95 -3.73
C GLY A 123 15.38 27.55 -3.15
N ASP A 124 14.84 26.89 -2.13
CA ASP A 124 13.61 27.36 -1.51
C ASP A 124 12.47 27.38 -2.52
N ALA A 125 12.47 26.41 -3.43
CA ALA A 125 11.41 26.30 -4.41
C ALA A 125 10.19 25.80 -3.62
N PRO A 126 8.98 26.09 -4.09
CA PRO A 126 7.80 25.63 -3.36
C PRO A 126 7.61 24.12 -3.53
N LEU A 127 6.85 23.52 -2.64
CA LEU A 127 6.58 22.08 -2.72
C LEU A 127 5.15 21.90 -3.22
N SER A 128 5.01 21.51 -4.47
CA SER A 128 3.68 21.28 -5.03
C SER A 128 3.08 20.02 -4.45
N ASP A 129 1.75 19.96 -4.44
CA ASP A 129 1.06 18.78 -3.91
C ASP A 129 1.46 17.54 -4.70
N ALA A 130 1.58 17.70 -6.01
CA ALA A 130 1.95 16.61 -6.91
C ALA A 130 3.25 15.93 -6.47
N VAL A 131 4.27 16.72 -6.17
CA VAL A 131 5.55 16.18 -5.75
C VAL A 131 5.43 15.48 -4.40
N ARG A 132 4.73 16.13 -3.47
CA ARG A 132 4.55 15.57 -2.15
C ARG A 132 3.78 14.25 -2.22
N ASP A 133 2.65 14.25 -2.93
CA ASP A 133 1.82 13.07 -3.05
C ASP A 133 2.48 11.89 -3.76
N ASP A 134 3.28 12.18 -4.78
CA ASP A 134 3.96 11.11 -5.49
C ASP A 134 4.93 10.38 -4.53
N ALA A 135 5.64 11.13 -3.70
CA ALA A 135 6.57 10.57 -2.73
C ALA A 135 5.85 9.72 -1.69
N LEU A 136 4.70 10.20 -1.23
CA LEU A 136 3.92 9.44 -0.25
C LEU A 136 3.42 8.15 -0.91
N ALA A 137 3.02 8.25 -2.17
CA ALA A 137 2.52 7.11 -2.93
C ALA A 137 3.59 6.04 -3.11
N LYS A 138 4.81 6.46 -3.42
CA LYS A 138 5.91 5.54 -3.62
C LYS A 138 6.31 4.93 -2.27
N GLY A 139 6.31 5.76 -1.23
CA GLY A 139 6.67 5.28 0.09
C GLY A 139 5.66 4.25 0.57
N ALA A 140 4.38 4.51 0.31
CA ALA A 140 3.32 3.58 0.70
C ALA A 140 3.38 2.30 -0.12
N GLY A 141 3.72 2.43 -1.40
CA GLY A 141 3.80 1.27 -2.28
C GLY A 141 4.93 0.33 -1.94
N PHE A 142 6.07 0.89 -1.57
CA PHE A 142 7.24 0.11 -1.20
C PHE A 142 6.96 -0.62 0.11
N PHE A 143 6.42 0.09 1.09
CA PHE A 143 6.09 -0.50 2.39
C PHE A 143 5.15 -1.70 2.26
N LYS A 144 4.08 -1.55 1.50
CA LYS A 144 3.11 -2.62 1.32
C LYS A 144 3.73 -3.82 0.62
N ALA A 145 4.70 -3.55 -0.26
CA ALA A 145 5.35 -4.64 -0.98
C ALA A 145 6.15 -5.53 -0.02
N ILE A 146 6.87 -4.90 0.90
CA ILE A 146 7.66 -5.67 1.86
C ILE A 146 6.75 -6.37 2.85
N GLU A 147 5.78 -5.64 3.39
CA GLU A 147 4.83 -6.20 4.34
C GLU A 147 4.13 -7.39 3.71
N GLY A 148 3.71 -7.21 2.46
CA GLY A 148 3.03 -8.26 1.73
C GLY A 148 3.90 -9.49 1.55
N TYR A 149 5.19 -9.28 1.31
CA TYR A 149 6.11 -10.40 1.14
C TYR A 149 6.20 -11.16 2.48
N VAL A 150 6.33 -10.40 3.56
CA VAL A 150 6.44 -10.96 4.91
C VAL A 150 5.24 -11.83 5.25
N LEU A 151 4.05 -11.33 4.93
CA LEU A 151 2.81 -12.03 5.20
C LEU A 151 2.69 -13.30 4.39
N ALA A 152 3.22 -13.29 3.17
CA ALA A 152 3.14 -14.45 2.30
C ALA A 152 4.20 -15.52 2.52
N ASN A 153 5.15 -15.26 3.42
CA ASN A 153 6.23 -16.21 3.69
C ASN A 153 6.48 -16.42 5.18
N PRO A 154 5.53 -17.05 5.88
CA PRO A 154 5.67 -17.30 7.33
C PRO A 154 6.89 -18.12 7.75
N ALA A 155 7.44 -18.92 6.84
CA ALA A 155 8.61 -19.73 7.19
C ALA A 155 9.82 -18.83 7.39
N GLU A 156 9.85 -17.72 6.66
CA GLU A 156 10.95 -16.76 6.76
C GLU A 156 10.73 -15.77 7.89
N TYR A 157 9.46 -15.50 8.22
CA TYR A 157 9.15 -14.57 9.29
C TYR A 157 8.06 -15.18 10.18
N GLY B 1 -23.50 -4.22 16.18
CA GLY B 1 -23.14 -2.76 16.21
C GLY B 1 -22.48 -2.34 14.91
N VAL B 2 -22.64 -1.06 14.57
CA VAL B 2 -22.06 -0.51 13.34
C VAL B 2 -20.98 0.53 13.59
N PHE B 3 -19.76 0.25 13.14
CA PHE B 3 -18.64 1.18 13.31
C PHE B 3 -18.14 1.64 11.96
N VAL B 4 -17.86 2.94 11.86
CA VAL B 4 -17.42 3.54 10.60
C VAL B 4 -15.99 4.09 10.61
N PHE B 5 -15.33 4.03 9.45
CA PHE B 5 -13.98 4.53 9.26
C PHE B 5 -13.84 5.01 7.82
N ARG B 6 -13.28 6.21 7.66
CA ARG B 6 -13.09 6.82 6.34
C ARG B 6 -11.61 6.96 6.01
N ASP B 7 -11.30 7.30 4.77
CA ASP B 7 -9.92 7.46 4.34
C ASP B 7 -9.82 7.97 2.91
N GLU B 8 -8.78 8.75 2.64
CA GLU B 8 -8.54 9.31 1.30
C GLU B 8 -7.08 9.11 0.92
N THR B 9 -6.85 8.72 -0.32
CA THR B 9 -5.49 8.52 -0.80
C THR B 9 -5.35 9.22 -2.14
N SER B 10 -4.27 9.97 -2.31
CA SER B 10 -4.04 10.67 -3.55
C SER B 10 -3.20 9.79 -4.45
N SER B 11 -3.50 9.80 -5.74
CA SER B 11 -2.79 9.00 -6.71
C SER B 11 -2.48 9.87 -7.92
N SER B 12 -1.40 9.54 -8.64
CA SER B 12 -1.02 10.31 -9.81
C SER B 12 -1.76 9.77 -11.03
N VAL B 13 -2.45 8.65 -10.83
CA VAL B 13 -3.22 8.01 -11.90
C VAL B 13 -4.51 8.78 -12.17
N ALA B 14 -4.82 9.03 -13.43
CA ALA B 14 -6.02 9.75 -13.79
C ALA B 14 -7.26 8.98 -13.31
N PRO B 15 -8.30 9.71 -12.86
CA PRO B 15 -9.57 9.18 -12.35
C PRO B 15 -10.17 8.00 -13.11
N ALA B 16 -10.55 8.24 -14.37
CA ALA B 16 -11.16 7.20 -15.20
C ALA B 16 -10.35 5.91 -15.25
N LYS B 17 -9.05 6.03 -15.40
CA LYS B 17 -8.18 4.86 -15.47
C LYS B 17 -8.11 4.10 -14.15
N LEU B 18 -7.94 4.84 -13.06
CA LEU B 18 -7.84 4.23 -11.74
C LEU B 18 -9.14 3.51 -11.43
N TYR B 19 -10.25 4.08 -11.87
CA TYR B 19 -11.57 3.49 -11.64
C TYR B 19 -11.74 2.23 -12.48
N LYS B 20 -11.33 2.29 -13.73
CA LYS B 20 -11.45 1.12 -14.61
C LYS B 20 -10.66 -0.05 -14.03
N ALA B 21 -9.42 0.23 -13.61
CA ALA B 21 -8.55 -0.81 -13.06
C ALA B 21 -9.14 -1.47 -11.82
N LEU B 22 -9.55 -0.66 -10.86
CA LEU B 22 -10.09 -1.16 -9.60
C LEU B 22 -11.40 -1.93 -9.69
N THR B 23 -12.30 -1.49 -10.57
CA THR B 23 -13.61 -2.11 -10.68
C THR B 23 -13.89 -3.04 -11.86
N LYS B 24 -13.15 -2.88 -12.96
CA LYS B 24 -13.38 -3.72 -14.13
C LYS B 24 -12.25 -4.67 -14.50
N ASP B 25 -11.01 -4.27 -14.26
CA ASP B 25 -9.85 -5.09 -14.60
C ASP B 25 -9.24 -5.83 -13.42
N SER B 26 -9.62 -5.43 -12.20
CA SER B 26 -9.03 -6.05 -11.00
C SER B 26 -9.17 -7.57 -10.90
N ASP B 27 -10.30 -8.12 -11.32
CA ASP B 27 -10.47 -9.58 -11.24
C ASP B 27 -9.38 -10.31 -12.01
N THR B 28 -9.04 -9.79 -13.19
CA THR B 28 -7.99 -10.40 -14.00
C THR B 28 -6.60 -10.05 -13.48
N ILE B 29 -6.42 -8.80 -13.08
CA ILE B 29 -5.12 -8.35 -12.57
C ILE B 29 -4.68 -9.19 -11.37
N ALA B 30 -5.62 -9.46 -10.48
CA ALA B 30 -5.34 -10.26 -9.29
C ALA B 30 -4.71 -11.60 -9.65
N GLN B 31 -5.12 -12.18 -10.77
CA GLN B 31 -4.58 -13.47 -11.21
C GLN B 31 -3.26 -13.34 -11.95
N LYS B 32 -2.99 -12.15 -12.47
CA LYS B 32 -1.74 -11.93 -13.21
C LYS B 32 -0.57 -11.63 -12.28
N ILE B 33 -0.84 -10.95 -11.17
CA ILE B 33 0.21 -10.63 -10.22
C ILE B 33 0.29 -11.71 -9.16
N ASP B 34 1.42 -11.79 -8.48
CA ASP B 34 1.58 -12.79 -7.43
C ASP B 34 1.22 -12.19 -6.08
N GLY B 35 -0.03 -12.35 -5.69
CA GLY B 35 -0.49 -11.84 -4.41
C GLY B 35 -1.27 -12.93 -3.71
N PRO B 36 -1.96 -12.63 -2.61
CA PRO B 36 -2.72 -13.65 -1.88
C PRO B 36 -3.88 -14.25 -2.67
N ILE B 37 -4.52 -13.45 -3.51
CA ILE B 37 -5.68 -13.91 -4.28
C ILE B 37 -5.40 -14.99 -5.33
N GLN B 38 -6.06 -16.14 -5.17
CA GLN B 38 -5.88 -17.27 -6.07
C GLN B 38 -6.93 -17.39 -7.18
N SER B 39 -8.18 -17.07 -6.87
CA SER B 39 -9.24 -17.16 -7.88
C SER B 39 -10.46 -16.35 -7.52
N ILE B 40 -11.22 -15.96 -8.56
CA ILE B 40 -12.43 -15.19 -8.40
C ILE B 40 -13.56 -15.86 -9.18
N GLU B 41 -14.55 -16.35 -8.46
CA GLU B 41 -15.68 -17.04 -9.06
C GLU B 41 -16.94 -16.20 -9.02
N LEU B 42 -17.64 -16.12 -10.15
CA LEU B 42 -18.91 -15.41 -10.18
C LEU B 42 -19.91 -16.48 -9.78
N VAL B 43 -20.46 -16.38 -8.58
CA VAL B 43 -21.41 -17.38 -8.10
C VAL B 43 -22.81 -17.13 -8.63
N GLU B 44 -23.16 -15.86 -8.78
CA GLU B 44 -24.48 -15.46 -9.27
C GLU B 44 -24.36 -14.05 -9.82
N GLY B 45 -24.88 -13.82 -11.03
CA GLY B 45 -24.80 -12.52 -11.64
C GLY B 45 -23.64 -12.40 -12.63
N ASN B 46 -23.52 -11.25 -13.29
CA ASN B 46 -22.46 -11.03 -14.27
C ASN B 46 -21.51 -9.90 -13.92
N GLY B 47 -21.67 -9.33 -12.74
CA GLY B 47 -20.82 -8.23 -12.34
C GLY B 47 -21.62 -7.00 -11.96
N GLY B 48 -22.85 -6.93 -12.45
CA GLY B 48 -23.71 -5.81 -12.14
C GLY B 48 -24.17 -5.92 -10.70
N VAL B 49 -24.90 -4.90 -10.22
CA VAL B 49 -25.38 -4.92 -8.84
C VAL B 49 -26.10 -6.23 -8.52
N GLY B 50 -25.86 -6.74 -7.31
CA GLY B 50 -26.49 -7.99 -6.91
C GLY B 50 -25.58 -9.20 -7.14
N THR B 51 -24.51 -9.01 -7.89
CA THR B 51 -23.57 -10.09 -8.16
C THR B 51 -22.89 -10.63 -6.90
N ILE B 52 -22.67 -11.94 -6.88
CA ILE B 52 -22.00 -12.58 -5.75
C ILE B 52 -20.71 -13.20 -6.26
N LYS B 53 -19.59 -12.71 -5.76
CA LYS B 53 -18.30 -13.24 -6.15
C LYS B 53 -17.71 -14.02 -5.00
N LYS B 54 -17.04 -15.12 -5.32
CA LYS B 54 -16.39 -15.93 -4.31
C LYS B 54 -14.90 -15.73 -4.53
N ILE B 55 -14.24 -15.08 -3.57
CA ILE B 55 -12.82 -14.84 -3.73
C ILE B 55 -11.98 -15.72 -2.81
N THR B 56 -11.14 -16.54 -3.42
CA THR B 56 -10.28 -17.46 -2.68
C THR B 56 -8.84 -16.95 -2.61
N ALA B 57 -8.19 -17.14 -1.47
CA ALA B 57 -6.82 -16.69 -1.30
C ALA B 57 -5.96 -17.63 -0.47
N ASN B 58 -4.66 -17.55 -0.71
CA ASN B 58 -3.67 -18.34 0.01
C ASN B 58 -3.12 -17.38 1.06
N GLU B 59 -3.63 -17.50 2.28
CA GLU B 59 -3.23 -16.65 3.39
C GLU B 59 -1.81 -16.96 3.89
N GLY B 60 -1.03 -17.63 3.04
CA GLY B 60 0.34 -17.98 3.41
C GLY B 60 0.47 -19.41 3.88
N ASP B 61 0.05 -19.67 5.12
CA ASP B 61 0.14 -21.00 5.70
C ASP B 61 -1.22 -21.69 5.72
N LYS B 62 -2.24 -21.03 5.19
CA LYS B 62 -3.57 -21.61 5.15
C LYS B 62 -4.38 -20.98 4.03
N THR B 63 -5.55 -21.54 3.75
CA THR B 63 -6.40 -21.00 2.71
C THR B 63 -7.71 -20.50 3.32
N SER B 64 -8.35 -19.57 2.62
CA SER B 64 -9.61 -19.00 3.08
C SER B 64 -10.33 -18.34 1.90
N PHE B 65 -11.58 -17.95 2.10
CA PHE B 65 -12.34 -17.31 1.05
C PHE B 65 -13.42 -16.40 1.63
N VAL B 66 -13.89 -15.47 0.82
CA VAL B 66 -14.94 -14.57 1.26
C VAL B 66 -15.95 -14.41 0.13
N LEU B 67 -17.21 -14.17 0.50
CA LEU B 67 -18.26 -13.95 -0.47
C LEU B 67 -18.43 -12.43 -0.53
N GLN B 68 -18.32 -11.89 -1.74
CA GLN B 68 -18.44 -10.47 -1.96
C GLN B 68 -19.73 -10.19 -2.73
N LYS B 69 -20.43 -9.12 -2.34
CA LYS B 69 -21.67 -8.76 -3.02
C LYS B 69 -21.60 -7.34 -3.53
N VAL B 70 -22.00 -7.14 -4.79
CA VAL B 70 -21.98 -5.81 -5.38
C VAL B 70 -23.24 -5.05 -4.98
N ASP B 71 -23.06 -4.02 -4.17
CA ASP B 71 -24.19 -3.23 -3.68
C ASP B 71 -24.66 -2.16 -4.64
N ALA B 72 -23.72 -1.44 -5.25
CA ALA B 72 -24.08 -0.38 -6.18
C ALA B 72 -22.93 0.02 -7.08
N ILE B 73 -23.27 0.41 -8.30
CA ILE B 73 -22.29 0.85 -9.28
C ILE B 73 -22.80 2.15 -9.89
N ASP B 74 -21.94 3.16 -9.94
CA ASP B 74 -22.30 4.46 -10.50
C ASP B 74 -21.15 4.89 -11.40
N GLU B 75 -21.08 4.30 -12.59
CA GLU B 75 -20.02 4.59 -13.55
C GLU B 75 -19.90 6.05 -13.94
N ALA B 76 -21.02 6.75 -13.95
CA ALA B 76 -21.02 8.16 -14.31
C ALA B 76 -20.17 8.94 -13.32
N ASN B 77 -20.39 8.68 -12.03
CA ASN B 77 -19.67 9.36 -10.96
C ASN B 77 -18.51 8.55 -10.40
N LEU B 78 -18.09 7.50 -11.11
CA LEU B 78 -16.99 6.66 -10.68
C LEU B 78 -17.18 6.18 -9.23
N GLY B 79 -18.37 5.64 -8.96
CA GLY B 79 -18.70 5.13 -7.64
C GLY B 79 -18.84 3.62 -7.70
N TYR B 80 -18.49 2.94 -6.61
CA TYR B 80 -18.58 1.49 -6.54
C TYR B 80 -18.67 1.04 -5.08
N ASP B 81 -19.78 0.40 -4.72
CA ASP B 81 -19.95 -0.09 -3.35
C ASP B 81 -20.16 -1.59 -3.36
N TYR B 82 -19.63 -2.25 -2.34
CA TYR B 82 -19.77 -3.69 -2.22
C TYR B 82 -19.53 -4.08 -0.78
N SER B 83 -19.81 -5.33 -0.46
CA SER B 83 -19.58 -5.79 0.90
C SER B 83 -19.29 -7.28 1.02
N ILE B 84 -18.65 -7.65 2.12
CA ILE B 84 -18.29 -9.03 2.41
C ILE B 84 -19.41 -9.56 3.28
N VAL B 85 -20.14 -10.54 2.78
CA VAL B 85 -21.27 -11.11 3.51
C VAL B 85 -21.04 -12.52 4.05
N GLY B 86 -19.85 -13.08 3.86
CA GLY B 86 -19.60 -14.42 4.34
C GLY B 86 -18.24 -14.99 3.97
N GLY B 87 -18.04 -16.26 4.27
CA GLY B 87 -16.78 -16.93 3.98
C GLY B 87 -15.91 -17.06 5.21
N THR B 88 -15.02 -18.05 5.19
CA THR B 88 -14.09 -18.29 6.29
C THR B 88 -13.11 -17.13 6.44
N GLY B 89 -13.06 -16.26 5.43
CA GLY B 89 -12.17 -15.12 5.49
C GLY B 89 -12.74 -13.97 6.30
N LEU B 90 -14.03 -14.06 6.62
CA LEU B 90 -14.69 -13.03 7.40
C LEU B 90 -14.62 -13.40 8.88
N PRO B 91 -14.04 -12.52 9.72
CA PRO B 91 -13.91 -12.78 11.15
C PRO B 91 -15.23 -13.12 11.83
N GLU B 92 -15.21 -14.08 12.75
CA GLU B 92 -16.39 -14.53 13.49
C GLU B 92 -17.14 -13.40 14.18
N SER B 93 -16.39 -12.42 14.69
CA SER B 93 -17.02 -11.28 15.39
C SER B 93 -17.81 -10.41 14.42
N LEU B 94 -17.56 -10.58 13.13
CA LEU B 94 -18.25 -9.79 12.12
C LEU B 94 -19.39 -10.49 11.41
N GLU B 95 -20.44 -9.72 11.15
CA GLU B 95 -21.63 -10.18 10.47
C GLU B 95 -21.52 -9.76 9.01
N LYS B 96 -20.99 -8.56 8.79
CA LYS B 96 -20.82 -8.01 7.46
C LYS B 96 -19.87 -6.82 7.48
N LEU B 97 -19.20 -6.59 6.36
CA LEU B 97 -18.28 -5.47 6.22
C LEU B 97 -18.56 -4.82 4.87
N SER B 98 -18.97 -3.57 4.90
CA SER B 98 -19.32 -2.83 3.70
C SER B 98 -18.29 -1.78 3.28
N PHE B 99 -18.15 -1.61 1.97
CA PHE B 99 -17.23 -0.64 1.40
C PHE B 99 -18.00 0.29 0.47
N GLU B 100 -17.71 1.59 0.58
CA GLU B 100 -18.33 2.60 -0.26
C GLU B 100 -17.15 3.39 -0.80
N THR B 101 -16.88 3.25 -2.08
CA THR B 101 -15.74 3.92 -2.69
C THR B 101 -16.15 4.90 -3.78
N LYS B 102 -15.26 5.85 -4.05
CA LYS B 102 -15.47 6.86 -5.05
C LYS B 102 -14.11 7.42 -5.47
N VAL B 103 -13.97 7.78 -6.73
CA VAL B 103 -12.73 8.36 -7.22
C VAL B 103 -13.09 9.71 -7.80
N VAL B 104 -12.34 10.74 -7.40
CA VAL B 104 -12.58 12.08 -7.90
C VAL B 104 -11.25 12.62 -8.44
N ALA B 105 -11.33 13.59 -9.33
CA ALA B 105 -10.12 14.18 -9.89
C ALA B 105 -9.43 15.03 -8.83
N GLY B 106 -8.11 15.10 -8.90
CA GLY B 106 -7.38 15.93 -7.97
C GLY B 106 -7.44 17.33 -8.57
N SER B 107 -7.35 18.36 -7.74
CA SER B 107 -7.41 19.72 -8.25
C SER B 107 -6.24 20.02 -9.19
N GLY B 108 -5.13 19.31 -8.99
CA GLY B 108 -3.95 19.52 -9.82
C GLY B 108 -3.70 18.52 -10.94
N GLY B 109 -4.56 17.51 -11.07
CA GLY B 109 -4.36 16.56 -12.15
C GLY B 109 -4.32 15.08 -11.79
N GLY B 110 -4.34 14.74 -10.52
CA GLY B 110 -4.31 13.33 -10.20
C GLY B 110 -5.71 12.83 -9.91
N SER B 111 -5.81 11.98 -8.90
CA SER B 111 -7.09 11.46 -8.49
C SER B 111 -7.00 11.20 -7.00
N ILE B 112 -8.15 11.16 -6.34
CA ILE B 112 -8.21 10.90 -4.91
C ILE B 112 -9.20 9.76 -4.71
N SER B 113 -8.77 8.73 -3.99
CA SER B 113 -9.63 7.58 -3.70
C SER B 113 -10.19 7.71 -2.30
N LYS B 114 -11.51 7.85 -2.21
CA LYS B 114 -12.18 7.97 -0.93
C LYS B 114 -12.86 6.66 -0.60
N VAL B 115 -12.72 6.22 0.65
CA VAL B 115 -13.31 4.96 1.06
C VAL B 115 -13.94 5.07 2.45
N THR B 116 -15.11 4.45 2.58
CA THR B 116 -15.81 4.42 3.86
C THR B 116 -16.11 2.96 4.15
N LEU B 117 -15.56 2.45 5.26
CA LEU B 117 -15.81 1.07 5.66
C LEU B 117 -16.79 1.05 6.82
N LYS B 118 -17.79 0.18 6.73
CA LYS B 118 -18.77 0.06 7.80
C LYS B 118 -18.71 -1.35 8.36
N PHE B 119 -18.25 -1.47 9.60
CA PHE B 119 -18.15 -2.77 10.25
C PHE B 119 -19.45 -3.09 10.97
N HIS B 120 -20.02 -4.26 10.70
CA HIS B 120 -21.24 -4.69 11.37
C HIS B 120 -20.90 -5.83 12.31
N THR B 121 -20.79 -5.53 13.60
CA THR B 121 -20.47 -6.55 14.58
C THR B 121 -21.70 -7.38 14.93
N LYS B 122 -21.47 -8.58 15.45
CA LYS B 122 -22.56 -9.46 15.82
C LYS B 122 -23.20 -9.09 17.15
N GLY B 123 -24.35 -8.41 17.04
CA GLY B 123 -25.11 -8.01 18.20
C GLY B 123 -24.45 -7.22 19.31
N ASP B 124 -24.30 -5.91 19.09
CA ASP B 124 -23.73 -5.04 20.13
C ASP B 124 -22.30 -5.36 20.59
N ALA B 125 -21.72 -6.43 20.09
CA ALA B 125 -20.36 -6.78 20.47
C ALA B 125 -19.44 -5.67 19.96
N PRO B 126 -18.40 -5.31 20.74
CA PRO B 126 -17.46 -4.26 20.35
C PRO B 126 -16.51 -4.70 19.23
N LEU B 127 -15.97 -3.74 18.51
CA LEU B 127 -15.04 -4.04 17.41
C LEU B 127 -13.63 -4.01 17.96
N SER B 128 -12.91 -5.12 17.83
CA SER B 128 -11.55 -5.17 18.34
C SER B 128 -10.59 -4.49 17.37
N ASP B 129 -9.59 -3.82 17.92
CA ASP B 129 -8.60 -3.11 17.13
C ASP B 129 -7.90 -4.02 16.14
N ALA B 130 -7.64 -5.26 16.55
CA ALA B 130 -6.96 -6.21 15.67
C ALA B 130 -7.75 -6.45 14.39
N VAL B 131 -9.06 -6.65 14.54
CA VAL B 131 -9.94 -6.90 13.39
C VAL B 131 -10.02 -5.66 12.51
N ARG B 132 -10.17 -4.50 13.13
CA ARG B 132 -10.26 -3.25 12.40
C ARG B 132 -9.00 -3.02 11.56
N ASP B 133 -7.84 -3.04 12.22
CA ASP B 133 -6.58 -2.81 11.54
C ASP B 133 -6.22 -3.81 10.45
N ASP B 134 -6.50 -5.09 10.68
CA ASP B 134 -6.21 -6.11 9.69
C ASP B 134 -6.99 -5.81 8.40
N ALA B 135 -8.27 -5.47 8.58
CA ALA B 135 -9.14 -5.13 7.47
C ALA B 135 -8.59 -3.97 6.66
N LEU B 136 -8.14 -2.93 7.35
CA LEU B 136 -7.59 -1.77 6.69
C LEU B 136 -6.30 -2.15 5.98
N ALA B 137 -5.49 -2.98 6.62
CA ALA B 137 -4.23 -3.42 6.03
C ALA B 137 -4.46 -4.18 4.71
N LYS B 138 -5.50 -5.02 4.66
CA LYS B 138 -5.77 -5.77 3.45
C LYS B 138 -6.33 -4.86 2.37
N GLY B 139 -7.21 -3.95 2.75
CA GLY B 139 -7.80 -3.02 1.79
C GLY B 139 -6.72 -2.18 1.12
N ALA B 140 -5.79 -1.65 1.90
CA ALA B 140 -4.71 -0.84 1.35
C ALA B 140 -3.77 -1.69 0.50
N GLY B 141 -3.54 -2.92 0.94
CA GLY B 141 -2.68 -3.81 0.19
C GLY B 141 -3.22 -4.07 -1.20
N PHE B 142 -4.52 -4.37 -1.29
CA PHE B 142 -5.16 -4.65 -2.57
C PHE B 142 -5.11 -3.41 -3.47
N PHE B 143 -5.52 -2.27 -2.92
CA PHE B 143 -5.51 -1.01 -3.65
C PHE B 143 -4.14 -0.70 -4.25
N LYS B 144 -3.11 -0.73 -3.41
CA LYS B 144 -1.76 -0.43 -3.85
C LYS B 144 -1.24 -1.43 -4.88
N ALA B 145 -1.70 -2.68 -4.79
CA ALA B 145 -1.27 -3.69 -5.74
C ALA B 145 -1.83 -3.33 -7.11
N ILE B 146 -3.09 -2.89 -7.14
CA ILE B 146 -3.72 -2.51 -8.41
C ILE B 146 -3.13 -1.21 -8.94
N GLU B 147 -2.89 -0.24 -8.05
CA GLU B 147 -2.32 1.04 -8.48
C GLU B 147 -0.94 0.77 -9.06
N GLY B 148 -0.19 -0.10 -8.38
CA GLY B 148 1.15 -0.44 -8.84
C GLY B 148 1.15 -1.02 -10.23
N TYR B 149 0.17 -1.87 -10.52
CA TYR B 149 0.07 -2.50 -11.84
C TYR B 149 -0.14 -1.46 -12.93
N VAL B 150 -1.05 -0.51 -12.71
CA VAL B 150 -1.30 0.52 -13.70
C VAL B 150 -0.05 1.33 -13.97
N LEU B 151 0.62 1.76 -12.91
CA LEU B 151 1.84 2.55 -13.07
C LEU B 151 2.94 1.80 -13.80
N ALA B 152 2.97 0.48 -13.65
CA ALA B 152 3.99 -0.33 -14.31
C ALA B 152 3.62 -0.71 -15.74
N ASN B 153 2.37 -0.50 -16.12
CA ASN B 153 1.95 -0.85 -17.48
C ASN B 153 1.19 0.26 -18.18
N PRO B 154 1.85 1.39 -18.42
CA PRO B 154 1.22 2.53 -19.08
C PRO B 154 0.67 2.14 -20.46
N ALA B 155 1.29 1.14 -21.09
CA ALA B 155 0.85 0.70 -22.40
C ALA B 155 -0.59 0.22 -22.38
N GLU B 156 -0.99 -0.41 -21.27
CA GLU B 156 -2.35 -0.92 -21.13
C GLU B 156 -3.36 0.12 -20.68
N TYR B 157 -2.89 1.22 -20.10
CA TYR B 157 -3.78 2.27 -19.65
C TYR B 157 -3.40 3.63 -20.23
C1 2AN C . 7.06 2.96 -6.34
C2 2AN C . 7.66 2.63 -5.03
C3 2AN C . 9.06 2.63 -4.79
C4 2AN C . 9.95 2.98 -5.87
C5 2AN C . 9.46 3.32 -7.15
C6 2AN C . 10.43 3.66 -8.16
C7 2AN C . 10.00 4.00 -9.47
C8 2AN C . 8.60 4.02 -9.78
N 2AN C . 5.67 2.93 -6.45
S 2AN C . 6.20 3.79 -9.45
C9 2AN C . 7.55 3.70 -8.85
C10 2AN C . 7.97 3.33 -7.46
C11 2AN C . 4.74 1.91 -6.14
C12 2AN C . 3.33 2.26 -6.15
C13 2AN C . 2.32 1.25 -5.84
C14 2AN C . 2.70 -0.11 -5.52
C15 2AN C . 4.08 -0.46 -5.51
C16 2AN C . 5.10 0.52 -5.81
O1 2AN C . 5.21 4.94 -8.61
O2 2AN C . 6.35 4.29 -11.18
O3 2AN C . 5.45 2.18 -9.40
C1 2AN D . 12.09 7.08 -4.68
C2 2AN D . 11.55 8.38 -5.14
C3 2AN D . 10.53 9.08 -4.47
C4 2AN D . 9.97 8.54 -3.26
C5 2AN D . 10.44 7.30 -2.74
C6 2AN D . 9.82 6.82 -1.52
C7 2AN D . 10.25 5.59 -0.95
C8 2AN D . 11.28 4.81 -1.57
N 2AN D . 13.10 6.45 -5.43
S 2AN D . 13.00 4.20 -3.20
C9 2AN D . 11.96 5.19 -2.79
C10 2AN D . 11.53 6.49 -3.43
C11 2AN D . 13.23 6.16 -6.81
C12 2AN D . 14.09 5.03 -7.18
C13 2AN D . 14.29 4.68 -8.57
C14 2AN D . 13.64 5.43 -9.62
C15 2AN D . 12.80 6.53 -9.28
C16 2AN D . 12.59 6.89 -7.91
O1 2AN D . 14.56 4.97 -3.25
O2 2AN D . 13.06 2.82 -2.02
O3 2AN D . 12.64 3.54 -4.80
C1 2AN E . -26.68 -11.08 3.27
C2 2AN E . -26.20 -12.48 3.34
C3 2AN E . -25.49 -12.99 4.47
C4 2AN E . -25.22 -12.14 5.58
C5 2AN E . -25.66 -10.79 5.59
C6 2AN E . -25.35 -10.00 6.76
C7 2AN E . -25.77 -8.63 6.81
C8 2AN E . -26.49 -8.04 5.71
N 2AN E . -27.37 -10.62 2.13
S 2AN E . -27.56 -7.93 3.51
C9 2AN E . -26.83 -8.75 4.50
C10 2AN E . -26.41 -10.19 4.41
C11 2AN E . -27.27 -10.86 0.74
C12 2AN E . -28.21 -10.14 -0.13
C13 2AN E . -28.18 -10.32 -1.58
C14 2AN E . -27.22 -11.23 -2.18
C15 2AN E . -26.30 -11.93 -1.35
C16 2AN E . -26.32 -11.76 0.08
O1 2AN E . -29.10 -8.62 3.14
O2 2AN E . -27.80 -6.25 4.15
O3 2AN E . -26.58 -7.81 2.02
C1 2AN F . -4.02 -8.92 1.59
C2 2AN F . -4.80 -8.09 0.66
C3 2AN F . -6.00 -8.52 0.04
C4 2AN F . -6.50 -9.84 0.34
C5 2AN F . -5.80 -10.71 1.22
C6 2AN F . -6.37 -12.02 1.46
C7 2AN F . -5.72 -12.92 2.34
C8 2AN F . -4.49 -12.55 2.99
N 2AN F . -2.84 -8.42 2.16
S 2AN F . -2.62 -11.12 3.56
C9 2AN F . -3.86 -11.27 2.80
C10 2AN F . -4.52 -10.29 1.89
C11 2AN F . -1.82 -7.60 1.65
C12 2AN F . -1.11 -6.74 2.59
C13 2AN F . -0.03 -5.88 2.13
C14 2AN F . 0.36 -5.86 0.72
C15 2AN F . -0.33 -6.70 -0.20
C16 2AN F . -1.40 -7.57 0.24
O1 2AN F . -2.72 -9.78 4.67
O2 2AN F . -2.25 -12.62 4.49
O3 2AN F . -1.31 -10.84 2.38
C1 2AN G . -9.92 -10.89 2.74
C2 2AN G . -9.63 -11.56 4.03
C3 2AN G . -9.41 -12.95 4.15
C4 2AN G . -9.48 -13.79 2.98
C5 2AN G . -9.75 -13.21 1.70
C6 2AN G . -9.79 -14.10 0.58
C7 2AN G . -10.06 -13.57 -0.71
C8 2AN G . -10.30 -12.15 -0.90
N 2AN G . -10.13 -9.50 2.65
S 2AN G . -10.55 -9.78 -0.28
C9 2AN G . -10.28 -11.18 0.17
C10 2AN G . -9.99 -11.72 1.54
C11 2AN G . -10.60 -8.51 3.51
C12 2AN G . -10.39 -7.14 3.08
C13 2AN G . -10.85 -6.03 3.90
C14 2AN G . -11.51 -6.28 5.15
C15 2AN G . -11.73 -7.63 5.59
C16 2AN G . -11.28 -8.74 4.78
O1 2AN G . -9.29 -8.67 0.12
O2 2AN G . -10.83 -9.72 -2.06
O3 2AN G . -12.08 -9.25 0.50
#